data_5U08
#
_entry.id   5U08
#
_cell.length_a   46.295
_cell.length_b   53.035
_cell.length_c   78.676
_cell.angle_alpha   71.76
_cell.angle_beta   75.61
_cell.angle_gamma   88.69
#
_symmetry.space_group_name_H-M   'P 1'
#
loop_
_entity.id
_entity.type
_entity.pdbx_description
1 polymer 'aminoglycoside acetyltransferase meta-AAC0020'
2 non-polymer '(1S,2S,3R,4S,6R)-4,6-diamino-3-{[(2S,3R)-3-amino-6-(aminomethyl)-3,4-dihydro-2H-pyran-2-yl]oxy}-2-hydroxycyclohexyl 3-deoxy-4-C-methyl-3-(methylamino)-beta-L-arabinopyranoside'
3 non-polymer 'MAGNESIUM ION'
4 non-polymer 'ACETATE ION'
5 non-polymer 'CALCIUM ION'
6 water water
#
_entity_poly.entity_id   1
_entity_poly.type   'polypeptide(L)'
_entity_poly.pdbx_seq_one_letter_code
;MGQNMEIDNFLKIERLAENDLPKFIQLIRLFEAVFEMKNFSIPDSEHLQKLLNQNNFYVFVALLENKIVGGLTSYVLEQY
YSEKPLAYIYDLAVDTNWQRQGIGKKLITATNQFYTEKGFEEVFVQADKVDDYALDFARSTKPTAEEQVVHFYYTLK
;
_entity_poly.pdbx_strand_id   A,B,C,D
#
# COMPACT_ATOMS: atom_id res chain seq x y z
N GLU A 6 40.62 -12.97 15.51
CA GLU A 6 39.22 -12.68 15.80
C GLU A 6 38.61 -11.78 14.71
N ILE A 7 37.31 -11.99 14.45
CA ILE A 7 36.60 -11.33 13.36
C ILE A 7 36.70 -9.80 13.45
N ASP A 8 36.84 -9.26 14.67
CA ASP A 8 37.03 -7.82 14.84
C ASP A 8 38.18 -7.29 13.98
N ASN A 9 39.20 -8.10 13.72
CA ASN A 9 40.32 -7.67 12.91
C ASN A 9 40.07 -7.82 11.41
N PHE A 10 38.93 -8.36 11.03
CA PHE A 10 38.60 -8.54 9.62
C PHE A 10 37.37 -7.76 9.19
N LEU A 11 36.48 -7.43 10.11
CA LEU A 11 35.27 -6.67 9.74
C LEU A 11 35.64 -5.26 9.28
N LYS A 12 35.03 -4.85 8.18
CA LYS A 12 35.19 -3.50 7.67
C LYS A 12 33.82 -2.86 7.68
N ILE A 13 33.76 -1.62 8.15
CA ILE A 13 32.57 -0.79 7.99
C ILE A 13 32.86 0.20 6.87
N GLU A 14 31.94 0.30 5.90
CA GLU A 14 32.15 1.19 4.78
C GLU A 14 30.89 2.01 4.57
N ARG A 15 31.07 3.31 4.30
CA ARG A 15 29.97 4.15 3.90
C ARG A 15 29.86 4.08 2.39
N LEU A 16 28.65 3.80 1.89
CA LEU A 16 28.50 3.59 0.46
C LEU A 16 28.63 4.92 -0.27
N ALA A 17 29.27 4.87 -1.43
CA ALA A 17 29.41 5.99 -2.33
C ALA A 17 28.46 5.81 -3.51
N GLU A 18 28.50 6.77 -4.44
CA GLU A 18 27.57 6.73 -5.57
C GLU A 18 27.78 5.52 -6.47
N ASN A 19 28.98 4.93 -6.52
CA ASN A 19 29.15 3.77 -7.38
C ASN A 19 28.79 2.46 -6.70
N ASP A 20 28.12 2.50 -5.56
CA ASP A 20 27.89 1.31 -4.75
C ASP A 20 26.46 0.80 -4.84
N LEU A 21 25.78 1.00 -5.98
CA LEU A 21 24.45 0.40 -6.13
C LEU A 21 24.44 -1.11 -5.91
N PRO A 22 25.43 -1.90 -6.38
CA PRO A 22 25.38 -3.34 -6.07
C PRO A 22 25.37 -3.63 -4.59
N LYS A 23 26.23 -2.96 -3.81
CA LYS A 23 26.21 -3.18 -2.37
C LYS A 23 24.90 -2.69 -1.74
N PHE A 24 24.31 -1.61 -2.25
CA PHE A 24 23.04 -1.14 -1.70
C PHE A 24 21.96 -2.18 -1.91
N ILE A 25 21.89 -2.75 -3.12
CA ILE A 25 20.92 -3.82 -3.40
C ILE A 25 21.17 -5.02 -2.49
N GLN A 26 22.44 -5.38 -2.29
CA GLN A 26 22.75 -6.46 -1.35
C GLN A 26 22.22 -6.17 0.04
N LEU A 27 22.36 -4.93 0.52
CA LEU A 27 21.83 -4.60 1.84
C LEU A 27 20.30 -4.65 1.86
N ILE A 28 19.64 -4.18 0.80
CA ILE A 28 18.18 -4.25 0.74
C ILE A 28 17.73 -5.71 0.77
N ARG A 29 18.45 -6.58 0.07
CA ARG A 29 18.17 -8.02 0.14
C ARG A 29 18.38 -8.57 1.55
N LEU A 30 19.39 -8.05 2.27
CA LEU A 30 19.56 -8.49 3.66
C LEU A 30 18.38 -8.04 4.51
N PHE A 31 17.93 -6.79 4.33
CA PHE A 31 16.73 -6.31 4.99
C PHE A 31 15.52 -7.20 4.68
N GLU A 32 15.30 -7.51 3.39
CA GLU A 32 14.21 -8.39 3.01
C GLU A 32 14.26 -9.70 3.75
N ALA A 33 15.46 -10.29 3.89
CA ALA A 33 15.61 -11.57 4.56
C ALA A 33 15.44 -11.43 6.08
N VAL A 34 16.14 -10.47 6.70
CA VAL A 34 16.15 -10.39 8.16
C VAL A 34 14.81 -9.92 8.70
N PHE A 35 14.16 -8.97 8.03
CA PHE A 35 12.85 -8.52 8.47
C PHE A 35 11.73 -9.42 7.97
N GLU A 36 12.07 -10.50 7.27
CA GLU A 36 11.10 -11.48 6.77
C GLU A 36 10.02 -10.80 5.95
N MET A 37 10.45 -9.93 5.04
CA MET A 37 9.52 -9.21 4.18
C MET A 37 8.95 -10.15 3.12
N LYS A 38 7.63 -10.25 3.08
CA LYS A 38 6.92 -11.12 2.15
C LYS A 38 6.44 -10.36 0.94
N ASN A 39 6.53 -11.01 -0.22
CA ASN A 39 6.00 -10.48 -1.49
C ASN A 39 6.59 -9.10 -1.79
N PHE A 40 7.87 -8.92 -1.47
CA PHE A 40 8.58 -7.68 -1.74
C PHE A 40 9.06 -7.61 -3.18
N SER A 41 8.83 -6.45 -3.81
CA SER A 41 9.31 -6.14 -5.16
C SER A 41 10.31 -4.98 -5.03
N ILE A 42 11.57 -5.24 -5.34
CA ILE A 42 12.58 -4.19 -5.18
C ILE A 42 12.34 -3.06 -6.16
N PRO A 43 12.46 -1.81 -5.75
CA PRO A 43 12.38 -0.69 -6.70
C PRO A 43 13.39 -0.84 -7.81
N ASP A 44 13.06 -0.20 -8.93
CA ASP A 44 13.95 -0.22 -10.07
C ASP A 44 15.27 0.42 -9.70
N SER A 45 16.31 0.02 -10.43
CA SER A 45 17.64 0.51 -10.12
C SER A 45 17.80 2.00 -10.40
N GLU A 46 17.05 2.55 -11.37
CA GLU A 46 17.10 4.00 -11.59
C GLU A 46 16.70 4.75 -10.32
N HIS A 47 15.70 4.24 -9.62
CA HIS A 47 15.24 4.90 -8.41
C HIS A 47 16.24 4.72 -7.28
N LEU A 48 16.77 3.51 -7.11
CA LEU A 48 17.72 3.28 -6.04
C LEU A 48 18.99 4.08 -6.28
N GLN A 49 19.37 4.26 -7.55
CA GLN A 49 20.56 5.07 -7.82
C GLN A 49 20.31 6.53 -7.47
N LYS A 50 19.13 7.05 -7.84
CA LYS A 50 18.77 8.42 -7.45
C LYS A 50 18.88 8.62 -5.95
N LEU A 51 18.37 7.66 -5.17
CA LEU A 51 18.42 7.76 -3.73
C LEU A 51 19.87 7.76 -3.22
N LEU A 52 20.68 6.84 -3.74
CA LEU A 52 22.08 6.78 -3.34
C LEU A 52 22.82 8.07 -3.67
N ASN A 53 22.42 8.77 -4.73
CA ASN A 53 23.04 10.01 -5.15
C ASN A 53 22.63 11.20 -4.27
N GLN A 54 21.61 11.06 -3.44
CA GLN A 54 21.15 12.19 -2.63
C GLN A 54 22.16 12.60 -1.58
N ASN A 55 22.22 13.91 -1.33
CA ASN A 55 23.12 14.50 -0.33
C ASN A 55 22.63 14.36 1.10
N ASN A 56 21.48 13.73 1.32
CA ASN A 56 20.85 13.68 2.63
C ASN A 56 20.58 12.25 3.04
N PHE A 57 21.29 11.31 2.43
CA PHE A 57 21.06 9.90 2.65
C PHE A 57 22.42 9.22 2.68
N TYR A 58 22.67 8.46 3.75
CA TYR A 58 23.95 7.78 3.93
C TYR A 58 23.71 6.34 4.37
N VAL A 59 24.36 5.42 3.67
CA VAL A 59 24.25 3.99 3.95
C VAL A 59 25.60 3.50 4.45
N PHE A 60 25.58 2.71 5.53
CA PHE A 60 26.79 2.09 6.05
C PHE A 60 26.63 0.58 6.00
N VAL A 61 27.66 -0.13 5.54
CA VAL A 61 27.58 -1.58 5.51
C VAL A 61 28.75 -2.19 6.28
N ALA A 62 28.50 -3.40 6.77
CA ALA A 62 29.51 -4.21 7.44
C ALA A 62 29.90 -5.35 6.52
N LEU A 63 31.21 -5.50 6.28
CA LEU A 63 31.71 -6.45 5.28
C LEU A 63 32.70 -7.42 5.90
N LEU A 64 32.58 -8.68 5.50
CA LEU A 64 33.63 -9.67 5.72
C LEU A 64 34.03 -10.17 4.33
N GLU A 65 35.28 -9.89 3.94
CA GLU A 65 35.71 -10.01 2.54
C GLU A 65 34.84 -9.06 1.72
N ASN A 66 34.09 -9.53 0.74
CA ASN A 66 33.16 -8.67 0.02
C ASN A 66 31.71 -9.05 0.29
N LYS A 67 31.46 -9.77 1.38
CA LYS A 67 30.11 -10.19 1.72
C LYS A 67 29.55 -9.24 2.75
N ILE A 68 28.38 -8.69 2.45
CA ILE A 68 27.72 -7.78 3.36
C ILE A 68 27.03 -8.59 4.43
N VAL A 69 27.40 -8.37 5.69
CA VAL A 69 26.81 -9.10 6.81
C VAL A 69 25.91 -8.22 7.63
N GLY A 70 25.82 -6.93 7.32
CA GLY A 70 24.90 -6.04 8.03
C GLY A 70 24.99 -4.67 7.44
N GLY A 71 24.08 -3.81 7.88
CA GLY A 71 24.18 -2.41 7.49
C GLY A 71 23.05 -1.60 8.06
N LEU A 72 23.11 -0.29 7.77
CA LEU A 72 22.08 0.61 8.23
C LEU A 72 21.94 1.76 7.23
N THR A 73 20.76 2.34 7.25
CA THR A 73 20.40 3.46 6.42
C THR A 73 20.09 4.66 7.29
N SER A 74 20.44 5.84 6.80
CA SER A 74 20.24 7.05 7.60
C SER A 74 19.90 8.24 6.71
N TYR A 75 19.04 9.12 7.23
CA TYR A 75 18.60 10.35 6.56
C TYR A 75 19.04 11.57 7.35
N VAL A 76 19.52 12.58 6.64
CA VAL A 76 19.82 13.89 7.23
C VAL A 76 18.54 14.70 7.30
N LEU A 77 18.27 15.26 8.49
CA LEU A 77 17.17 16.23 8.66
C LEU A 77 17.80 17.55 9.08
N GLU A 78 17.91 18.46 8.11
CA GLU A 78 18.30 19.83 8.45
C GLU A 78 17.25 20.45 9.36
N GLN A 79 17.72 21.12 10.41
CA GLN A 79 16.84 21.66 11.44
C GLN A 79 16.57 23.14 11.23
N TYR A 80 15.42 23.58 11.72
CA TYR A 80 15.11 25.01 11.80
C TYR A 80 15.32 25.54 13.22
N TYR A 81 15.66 24.67 14.17
CA TYR A 81 15.96 25.13 15.54
C TYR A 81 17.45 25.35 15.75
N SER A 82 18.27 24.76 14.87
CA SER A 82 19.72 24.76 15.01
C SER A 82 20.34 24.68 13.62
N GLU A 83 21.54 25.25 13.49
CA GLU A 83 22.33 25.03 12.28
C GLU A 83 23.02 23.68 12.25
N LYS A 84 23.00 22.91 13.36
CA LYS A 84 23.54 21.57 13.35
C LYS A 84 22.45 20.56 13.02
N PRO A 85 22.60 19.74 11.99
CA PRO A 85 21.53 18.81 11.59
C PRO A 85 21.35 17.64 12.56
N LEU A 86 20.26 16.91 12.31
CA LEU A 86 19.95 15.63 12.93
C LEU A 86 20.18 14.54 11.90
N ALA A 87 20.53 13.33 12.37
CA ALA A 87 20.49 12.15 11.49
C ALA A 87 19.52 11.13 12.07
N TYR A 88 18.71 10.57 11.19
CA TYR A 88 17.68 9.58 11.52
C TYR A 88 18.15 8.23 10.96
N ILE A 89 18.55 7.32 11.84
CA ILE A 89 18.81 5.93 11.39
C ILE A 89 17.48 5.27 11.18
N TYR A 90 17.20 4.86 9.93
CA TYR A 90 15.88 4.36 9.59
C TYR A 90 15.78 2.84 9.74
N ASP A 91 16.80 2.10 9.30
CA ASP A 91 16.86 0.65 9.41
C ASP A 91 18.26 0.25 9.82
N LEU A 92 18.34 -0.81 10.61
CA LEU A 92 19.60 -1.48 10.91
C LEU A 92 19.31 -2.98 10.96
N ALA A 93 20.19 -3.77 10.36
CA ALA A 93 20.02 -5.21 10.43
C ALA A 93 21.36 -5.90 10.25
N VAL A 94 21.46 -7.09 10.85
CA VAL A 94 22.62 -7.96 10.73
C VAL A 94 22.14 -9.33 10.29
N ASP A 95 22.87 -9.94 9.34
CA ASP A 95 22.59 -11.30 8.87
C ASP A 95 22.39 -12.23 10.06
N THR A 96 21.35 -13.07 9.99
CA THR A 96 21.00 -13.90 11.14
C THR A 96 22.15 -14.79 11.60
N ASN A 97 23.01 -15.21 10.67
CA ASN A 97 24.15 -16.06 11.03
C ASN A 97 25.26 -15.30 11.76
N TRP A 98 25.19 -13.97 11.77
CA TRP A 98 26.25 -13.13 12.30
C TRP A 98 25.80 -12.27 13.46
N GLN A 99 24.61 -12.52 14.02
CA GLN A 99 24.10 -11.64 15.05
C GLN A 99 24.75 -11.95 16.39
N ARG A 100 24.77 -10.95 17.26
CA ARG A 100 25.38 -11.08 18.59
C ARG A 100 26.89 -11.33 18.49
N GLN A 101 27.54 -10.69 17.52
CA GLN A 101 29.00 -10.74 17.36
C GLN A 101 29.65 -9.36 17.31
N GLY A 102 28.92 -8.31 17.67
CA GLY A 102 29.45 -6.96 17.76
C GLY A 102 29.25 -6.13 16.50
N ILE A 103 28.63 -6.68 15.46
CA ILE A 103 28.55 -5.98 14.19
C ILE A 103 27.63 -4.77 14.28
N GLY A 104 26.45 -4.92 14.88
CA GLY A 104 25.55 -3.79 15.01
C GLY A 104 26.20 -2.65 15.80
N LYS A 105 26.91 -3.00 16.88
CA LYS A 105 27.56 -1.93 17.65
C LYS A 105 28.62 -1.22 16.83
N LYS A 106 29.36 -1.96 16.00
CA LYS A 106 30.37 -1.28 15.17
C LYS A 106 29.70 -0.38 14.13
N LEU A 107 28.53 -0.79 13.61
CA LEU A 107 27.81 0.06 12.67
C LEU A 107 27.35 1.36 13.33
N ILE A 108 26.82 1.27 14.56
CA ILE A 108 26.39 2.48 15.26
C ILE A 108 27.59 3.37 15.58
N THR A 109 28.70 2.79 16.04
CA THR A 109 29.88 3.59 16.35
C THR A 109 30.36 4.35 15.13
N ALA A 110 30.46 3.68 13.99
CA ALA A 110 30.96 4.31 12.78
C ALA A 110 30.03 5.40 12.31
N THR A 111 28.71 5.15 12.36
CA THR A 111 27.71 6.14 11.95
C THR A 111 27.80 7.37 12.83
N ASN A 112 27.88 7.18 14.14
CA ASN A 112 27.92 8.36 15.00
C ASN A 112 29.24 9.10 14.88
N GLN A 113 30.34 8.38 14.64
CA GLN A 113 31.61 9.06 14.36
C GLN A 113 31.52 9.93 13.10
N PHE A 114 30.92 9.40 12.04
CA PHE A 114 30.74 10.16 10.79
C PHE A 114 29.94 11.43 11.04
N TYR A 115 28.81 11.30 11.73
CA TYR A 115 27.98 12.49 11.90
C TYR A 115 28.56 13.45 12.93
N THR A 116 29.38 12.96 13.87
CA THR A 116 30.10 13.88 14.76
C THR A 116 31.11 14.71 13.98
N GLU A 117 31.81 14.08 13.03
CA GLU A 117 32.80 14.81 12.25
C GLU A 117 32.12 15.87 11.39
N LYS A 118 30.89 15.60 10.95
CA LYS A 118 30.13 16.55 10.17
C LYS A 118 29.42 17.61 11.01
N GLY A 119 29.60 17.59 12.33
CA GLY A 119 29.05 18.66 13.14
C GLY A 119 27.57 18.54 13.40
N PHE A 120 27.03 17.33 13.35
CA PHE A 120 25.61 17.17 13.64
C PHE A 120 25.36 17.29 15.13
N GLU A 121 24.10 17.56 15.48
CA GLU A 121 23.73 17.70 16.89
C GLU A 121 23.43 16.35 17.53
N GLU A 122 22.75 15.48 16.79
CA GLU A 122 22.16 14.30 17.40
C GLU A 122 21.87 13.28 16.32
N VAL A 123 21.99 12.01 16.67
CA VAL A 123 21.55 10.90 15.83
C VAL A 123 20.44 10.18 16.60
N PHE A 124 19.40 9.72 15.91
CA PHE A 124 18.40 8.95 16.63
C PHE A 124 17.99 7.72 15.83
N VAL A 125 17.42 6.76 16.56
CA VAL A 125 17.00 5.48 15.99
C VAL A 125 15.82 4.98 16.83
N GLN A 126 14.94 4.18 16.22
CA GLN A 126 13.77 3.71 16.94
C GLN A 126 13.63 2.22 16.77
N ALA A 127 12.91 1.61 17.72
CA ALA A 127 12.60 0.20 17.71
C ALA A 127 11.15 0.02 18.15
N ASP A 128 10.50 -1.03 17.65
CA ASP A 128 9.14 -1.29 18.09
C ASP A 128 9.13 -1.78 19.54
N LYS A 129 8.13 -1.33 20.30
CA LYS A 129 8.01 -1.74 21.70
C LYS A 129 8.00 -3.27 21.87
N VAL A 130 7.51 -4.01 20.86
CA VAL A 130 7.38 -5.45 20.95
C VAL A 130 8.63 -6.19 20.49
N ASP A 131 9.60 -5.48 19.91
CA ASP A 131 10.79 -6.09 19.32
C ASP A 131 11.88 -6.21 20.37
N ASP A 132 11.80 -7.28 21.17
CA ASP A 132 12.72 -7.42 22.30
C ASP A 132 14.18 -7.47 21.85
N TYR A 133 14.46 -8.12 20.73
CA TYR A 133 15.82 -8.22 20.20
C TYR A 133 16.37 -6.84 19.84
N ALA A 134 15.57 -6.04 19.14
CA ALA A 134 16.06 -4.74 18.71
C ALA A 134 16.24 -3.79 19.89
N LEU A 135 15.37 -3.91 20.90
CA LEU A 135 15.49 -3.03 22.07
C LEU A 135 16.74 -3.35 22.88
N ASP A 136 16.98 -4.65 23.12
CA ASP A 136 18.18 -5.03 23.85
C ASP A 136 19.43 -4.54 23.12
N PHE A 137 19.42 -4.65 21.79
CA PHE A 137 20.55 -4.14 21.03
C PHE A 137 20.73 -2.63 21.23
N ALA A 138 19.67 -1.85 20.98
CA ALA A 138 19.82 -0.41 21.11
C ALA A 138 20.27 0.00 22.50
N ARG A 139 19.78 -0.72 23.51
CA ARG A 139 20.15 -0.34 24.88
C ARG A 139 21.59 -0.68 25.19
N SER A 140 22.27 -1.41 24.31
CA SER A 140 23.67 -1.78 24.51
CA SER A 140 23.67 -1.76 24.53
C SER A 140 24.64 -0.84 23.79
N THR A 141 24.16 0.20 23.11
CA THR A 141 25.00 1.13 22.36
C THR A 141 25.27 2.43 23.06
N LYS A 142 25.06 2.50 24.37
CA LYS A 142 25.24 3.71 25.15
C LYS A 142 24.45 4.90 24.59
N PRO A 143 23.15 4.72 24.33
CA PRO A 143 22.34 5.87 23.92
C PRO A 143 22.29 6.91 25.04
N THR A 144 22.20 8.17 24.64
CA THR A 144 22.10 9.23 25.65
C THR A 144 20.80 9.11 26.45
N ALA A 145 19.70 8.76 25.79
CA ALA A 145 18.42 8.61 26.45
C ALA A 145 17.53 7.75 25.58
N GLU A 146 16.43 7.30 26.19
CA GLU A 146 15.40 6.58 25.47
C GLU A 146 14.05 7.10 25.93
N GLU A 147 13.09 7.13 25.02
CA GLU A 147 11.75 7.66 25.30
C GLU A 147 10.70 6.78 24.65
N GLN A 148 9.58 6.58 25.35
CA GLN A 148 8.44 5.89 24.75
C GLN A 148 7.65 6.87 23.89
N VAL A 149 7.38 6.47 22.67
CA VAL A 149 6.62 7.34 21.78
CA VAL A 149 6.73 7.31 21.66
C VAL A 149 5.61 6.51 21.03
N VAL A 150 4.60 7.21 20.53
CA VAL A 150 3.54 6.60 19.74
C VAL A 150 3.66 7.10 18.30
N HIS A 151 3.69 6.17 17.38
CA HIS A 151 3.85 6.42 15.97
C HIS A 151 2.48 6.30 15.30
N PHE A 152 2.07 7.35 14.57
CA PHE A 152 0.82 7.32 13.80
C PHE A 152 1.11 7.42 12.32
N TYR A 153 0.36 6.67 11.50
CA TYR A 153 0.58 6.85 10.07
C TYR A 153 -0.73 6.90 9.33
N TYR A 154 -0.65 7.52 8.14
CA TYR A 154 -1.78 7.68 7.23
C TYR A 154 -1.41 7.00 5.92
N THR A 155 -2.04 5.88 5.61
CA THR A 155 -1.83 5.24 4.32
C THR A 155 -2.62 6.01 3.25
N LEU A 156 -1.91 6.55 2.27
CA LEU A 156 -2.52 7.41 1.27
C LEU A 156 -3.15 6.62 0.13
N LYS A 157 -4.17 7.21 -0.48
CA LYS A 157 -4.83 6.65 -1.64
C LYS A 157 -4.03 6.93 -2.91
N ASP B 8 -14.01 27.33 10.84
CA ASP B 8 -14.34 28.67 10.36
C ASP B 8 -13.97 28.83 8.88
N ASN B 9 -14.68 29.73 8.19
CA ASN B 9 -14.41 29.98 6.79
C ASN B 9 -13.30 31.01 6.56
N PHE B 10 -12.98 31.82 7.57
CA PHE B 10 -11.91 32.78 7.40
C PHE B 10 -10.54 32.12 7.47
N LEU B 11 -10.46 30.93 8.05
CA LEU B 11 -9.18 30.25 8.20
C LEU B 11 -8.67 29.77 6.85
N LYS B 12 -7.41 30.07 6.54
CA LYS B 12 -6.76 29.62 5.32
CA LYS B 12 -6.77 29.62 5.32
C LYS B 12 -5.57 28.75 5.67
N ILE B 13 -5.37 27.69 4.89
CA ILE B 13 -4.18 26.84 5.00
C ILE B 13 -3.29 27.13 3.80
N GLU B 14 -2.02 27.40 4.05
CA GLU B 14 -1.08 27.82 3.01
C GLU B 14 0.14 26.90 3.09
N ARG B 15 0.56 26.35 1.96
CA ARG B 15 1.86 25.69 1.87
C ARG B 15 2.91 26.75 1.55
N LEU B 16 3.95 26.86 2.40
CA LEU B 16 4.96 27.87 2.17
C LEU B 16 5.82 27.55 0.97
N ALA B 17 6.20 28.60 0.25
CA ALA B 17 7.06 28.57 -0.92
C ALA B 17 8.37 29.28 -0.58
N GLU B 18 9.25 29.39 -1.58
CA GLU B 18 10.60 29.89 -1.28
C GLU B 18 10.61 31.37 -0.95
N ASN B 19 9.56 32.11 -1.34
CA ASN B 19 9.47 33.52 -0.99
C ASN B 19 8.71 33.75 0.32
N ASP B 20 8.60 32.73 1.17
CA ASP B 20 7.84 32.83 2.41
C ASP B 20 8.68 32.78 3.68
N LEU B 21 9.94 33.22 3.63
CA LEU B 21 10.74 33.20 4.86
C LEU B 21 10.07 33.95 6.01
N PRO B 22 9.44 35.11 5.82
CA PRO B 22 8.83 35.74 7.01
C PRO B 22 7.79 34.88 7.71
N LYS B 23 6.94 34.16 6.95
CA LYS B 23 5.97 33.28 7.58
C LYS B 23 6.64 32.08 8.24
N PHE B 24 7.75 31.60 7.68
CA PHE B 24 8.48 30.48 8.29
C PHE B 24 9.02 30.91 9.66
N ILE B 25 9.59 32.12 9.73
CA ILE B 25 10.06 32.61 11.03
C ILE B 25 8.92 32.78 12.02
N GLN B 26 7.75 33.26 11.56
CA GLN B 26 6.63 33.38 12.49
C GLN B 26 6.19 32.01 13.01
N LEU B 27 6.20 31.00 12.16
CA LEU B 27 5.87 29.65 12.61
C LEU B 27 6.90 29.13 13.61
N ILE B 28 8.19 29.41 13.38
CA ILE B 28 9.22 28.99 14.35
C ILE B 28 8.98 29.66 15.69
N ARG B 29 8.61 30.93 15.68
CA ARG B 29 8.35 31.59 16.97
C ARG B 29 7.10 31.03 17.63
N LEU B 30 6.12 30.60 16.81
CA LEU B 30 4.94 29.96 17.38
C LEU B 30 5.33 28.66 18.05
N PHE B 31 6.15 27.86 17.37
CA PHE B 31 6.73 26.66 18.01
C PHE B 31 7.43 26.99 19.32
N GLU B 32 8.28 28.03 19.32
CA GLU B 32 8.99 28.39 20.55
C GLU B 32 8.03 28.67 21.69
N ALA B 33 6.94 29.40 21.40
CA ALA B 33 5.96 29.72 22.41
C ALA B 33 5.11 28.50 22.81
N VAL B 34 4.59 27.75 21.83
CA VAL B 34 3.64 26.69 22.17
C VAL B 34 4.33 25.50 22.84
N PHE B 35 5.51 25.13 22.34
CA PHE B 35 6.29 24.06 22.95
C PHE B 35 7.06 24.51 24.18
N GLU B 36 6.96 25.78 24.55
CA GLU B 36 7.70 26.36 25.67
C GLU B 36 9.18 25.99 25.60
N MET B 37 9.76 26.24 24.44
CA MET B 37 11.15 25.85 24.20
C MET B 37 12.09 26.71 25.03
N LYS B 38 13.15 26.07 25.55
CA LYS B 38 14.06 26.71 26.50
C LYS B 38 15.43 26.88 25.86
N ASN B 39 16.14 27.93 26.30
CA ASN B 39 17.51 28.19 25.83
C ASN B 39 17.57 28.17 24.31
N PHE B 40 16.69 28.94 23.69
CA PHE B 40 16.49 28.90 22.24
C PHE B 40 17.00 30.17 21.59
N SER B 41 17.82 30.02 20.55
CA SER B 41 18.26 31.16 19.72
C SER B 41 17.98 30.76 18.27
N ILE B 42 17.19 31.57 17.58
CA ILE B 42 16.79 31.20 16.22
C ILE B 42 18.02 31.20 15.31
N PRO B 43 18.15 30.22 14.42
CA PRO B 43 19.22 30.26 13.41
C PRO B 43 19.15 31.51 12.55
N ASP B 44 20.29 31.85 11.94
CA ASP B 44 20.29 33.00 11.06
C ASP B 44 19.42 32.76 9.82
N SER B 45 18.98 33.85 9.20
CA SER B 45 18.03 33.72 8.12
C SER B 45 18.62 33.12 6.86
N GLU B 46 19.93 33.22 6.65
CA GLU B 46 20.56 32.48 5.55
C GLU B 46 20.33 30.99 5.69
N HIS B 47 20.50 30.46 6.92
CA HIS B 47 20.25 29.05 7.18
C HIS B 47 18.78 28.69 6.93
N LEU B 48 17.86 29.48 7.48
CA LEU B 48 16.45 29.16 7.34
C LEU B 48 16.00 29.26 5.89
N GLN B 49 16.54 30.23 5.13
CA GLN B 49 16.18 30.30 3.71
C GLN B 49 16.67 29.08 2.95
N LYS B 50 17.90 28.64 3.24
CA LYS B 50 18.40 27.43 2.58
C LYS B 50 17.51 26.24 2.85
N LEU B 51 17.04 26.10 4.10
CA LEU B 51 16.14 24.99 4.42
C LEU B 51 14.83 25.10 3.66
N LEU B 52 14.22 26.30 3.67
CA LEU B 52 12.99 26.49 2.92
C LEU B 52 13.17 26.17 1.44
N ASN B 53 14.37 26.37 0.90
CA ASN B 53 14.61 26.11 -0.52
C ASN B 53 14.86 24.65 -0.84
N GLN B 54 14.94 23.78 0.16
CA GLN B 54 15.18 22.36 -0.11
C GLN B 54 13.96 21.71 -0.77
N ASN B 55 14.24 20.77 -1.68
CA ASN B 55 13.18 20.06 -2.39
C ASN B 55 12.55 18.93 -1.57
N ASN B 56 12.97 18.75 -0.32
CA ASN B 56 12.54 17.62 0.51
C ASN B 56 11.94 18.10 1.83
N PHE B 57 11.46 19.35 1.86
CA PHE B 57 10.99 19.99 3.08
C PHE B 57 9.82 20.87 2.72
N TYR B 58 8.70 20.67 3.43
CA TYR B 58 7.47 21.40 3.16
C TYR B 58 6.82 21.84 4.47
N VAL B 59 6.47 23.11 4.52
CA VAL B 59 5.87 23.73 5.69
C VAL B 59 4.46 24.15 5.32
N PHE B 60 3.51 23.85 6.20
CA PHE B 60 2.13 24.31 6.06
C PHE B 60 1.77 25.20 7.24
N VAL B 61 1.08 26.31 6.97
CA VAL B 61 0.66 27.21 8.03
C VAL B 61 -0.84 27.44 7.94
N ALA B 62 -1.41 27.80 9.08
CA ALA B 62 -2.80 28.23 9.18
C ALA B 62 -2.83 29.72 9.48
N LEU B 63 -3.66 30.44 8.74
CA LEU B 63 -3.72 31.90 8.82
C LEU B 63 -5.14 32.37 9.06
N LEU B 64 -5.27 33.34 9.96
CA LEU B 64 -6.45 34.18 10.04
C LEU B 64 -6.00 35.58 9.65
N GLU B 65 -6.49 36.07 8.51
CA GLU B 65 -5.92 37.26 7.87
C GLU B 65 -4.41 37.13 7.80
N ASN B 66 -3.68 38.03 8.45
CA ASN B 66 -2.23 37.98 8.36
C ASN B 66 -1.57 37.17 9.47
N LYS B 67 -2.35 36.66 10.43
CA LYS B 67 -1.78 36.06 11.63
C LYS B 67 -1.61 34.57 11.44
N ILE B 68 -0.39 34.08 11.63
CA ILE B 68 -0.12 32.63 11.70
C ILE B 68 -0.67 32.11 13.02
N VAL B 69 -1.63 31.19 12.96
CA VAL B 69 -2.22 30.64 14.18
C VAL B 69 -1.88 29.15 14.37
N GLY B 70 -1.16 28.55 13.45
CA GLY B 70 -0.67 27.18 13.61
C GLY B 70 0.14 26.79 12.40
N GLY B 71 0.74 25.62 12.46
CA GLY B 71 1.50 25.16 11.32
C GLY B 71 2.14 23.83 11.60
N LEU B 72 2.72 23.27 10.55
CA LEU B 72 3.48 22.03 10.73
C LEU B 72 4.63 22.01 9.75
N THR B 73 5.63 21.19 10.05
CA THR B 73 6.77 20.99 9.17
C THR B 73 6.82 19.53 8.78
N SER B 74 7.35 19.26 7.58
CA SER B 74 7.42 17.87 7.12
C SER B 74 8.62 17.66 6.22
N TYR B 75 9.17 16.44 6.29
CA TYR B 75 10.35 16.04 5.52
C TYR B 75 9.96 14.92 4.58
N VAL B 76 10.37 15.01 3.32
CA VAL B 76 10.24 13.90 2.37
C VAL B 76 11.36 12.90 2.61
N LEU B 77 11.01 11.62 2.73
CA LEU B 77 11.99 10.52 2.85
C LEU B 77 11.77 9.62 1.64
N GLU B 78 12.65 9.74 0.65
CA GLU B 78 12.63 8.81 -0.46
C GLU B 78 12.99 7.41 0.05
N GLN B 79 12.23 6.40 -0.39
CA GLN B 79 12.33 5.06 0.16
C GLN B 79 13.19 4.17 -0.73
N TYR B 80 13.72 3.10 -0.13
CA TYR B 80 14.30 2.00 -0.89
C TYR B 80 13.41 0.78 -0.89
N TYR B 81 12.29 0.79 -0.15
CA TYR B 81 11.33 -0.34 -0.25
C TYR B 81 10.25 -0.08 -1.28
N SER B 82 10.16 1.15 -1.75
CA SER B 82 9.14 1.58 -2.70
C SER B 82 9.68 2.78 -3.46
N GLU B 83 9.19 2.96 -4.71
CA GLU B 83 9.47 4.22 -5.40
C GLU B 83 8.54 5.34 -4.93
N LYS B 84 7.51 5.02 -4.21
CA LYS B 84 6.62 6.06 -3.68
C LYS B 84 7.17 6.58 -2.36
N PRO B 85 7.35 7.88 -2.18
CA PRO B 85 8.03 8.36 -0.97
C PRO B 85 7.13 8.36 0.27
N LEU B 86 7.78 8.61 1.41
CA LEU B 86 7.16 8.85 2.72
C LEU B 86 7.29 10.33 3.06
N ALA B 87 6.33 10.85 3.82
CA ALA B 87 6.49 12.15 4.45
C ALA B 87 6.45 11.99 5.96
N TYR B 88 7.38 12.67 6.63
CA TYR B 88 7.52 12.66 8.08
C TYR B 88 7.08 14.05 8.58
N ILE B 89 5.93 14.12 9.25
CA ILE B 89 5.54 15.37 9.93
C ILE B 89 6.34 15.46 11.23
N TYR B 90 7.19 16.49 11.31
CA TYR B 90 8.13 16.56 12.41
C TYR B 90 7.60 17.38 13.59
N ASP B 91 6.94 18.52 13.31
CA ASP B 91 6.37 19.37 14.35
C ASP B 91 5.00 19.84 13.87
N LEU B 92 4.06 19.91 14.79
CA LEU B 92 2.74 20.50 14.53
C LEU B 92 2.36 21.29 15.78
N ALA B 93 1.87 22.51 15.59
CA ALA B 93 1.45 23.30 16.74
C ALA B 93 0.33 24.23 16.32
N VAL B 94 -0.54 24.54 17.29
CA VAL B 94 -1.56 25.58 17.16
C VAL B 94 -1.41 26.57 18.30
N ASP B 95 -1.46 27.87 17.98
CA ASP B 95 -1.45 28.91 18.99
C ASP B 95 -2.43 28.61 20.13
N THR B 96 -1.99 28.81 21.38
CA THR B 96 -2.82 28.38 22.51
C THR B 96 -4.19 29.05 22.52
N ASN B 97 -4.28 30.28 22.01
CA ASN B 97 -5.56 30.98 22.00
C ASN B 97 -6.50 30.48 20.92
N TRP B 98 -6.02 29.62 20.02
CA TRP B 98 -6.79 29.17 18.87
C TRP B 98 -6.95 27.65 18.84
N GLN B 99 -6.54 26.96 19.91
CA GLN B 99 -6.63 25.51 19.92
C GLN B 99 -8.08 25.07 20.08
N ARG B 100 -8.33 23.80 19.68
CA ARG B 100 -9.65 23.15 19.80
C ARG B 100 -10.71 23.83 18.95
N GLN B 101 -10.31 24.40 17.80
CA GLN B 101 -11.22 25.01 16.84
C GLN B 101 -11.06 24.40 15.46
N GLY B 102 -10.43 23.24 15.36
CA GLY B 102 -10.29 22.50 14.12
C GLY B 102 -9.09 22.83 13.28
N ILE B 103 -8.21 23.72 13.75
CA ILE B 103 -7.07 24.15 12.94
C ILE B 103 -6.08 23.02 12.71
N GLY B 104 -5.73 22.27 13.76
CA GLY B 104 -4.78 21.20 13.56
C GLY B 104 -5.30 20.13 12.61
N LYS B 105 -6.58 19.77 12.74
CA LYS B 105 -7.15 18.79 11.82
C LYS B 105 -7.10 19.28 10.39
N LYS B 106 -7.37 20.58 10.17
CA LYS B 106 -7.33 21.13 8.81
C LYS B 106 -5.90 21.09 8.26
N LEU B 107 -4.91 21.33 9.11
CA LEU B 107 -3.52 21.24 8.66
C LEU B 107 -3.15 19.83 8.23
N ILE B 108 -3.54 18.83 9.03
CA ILE B 108 -3.27 17.44 8.68
C ILE B 108 -3.97 17.07 7.39
N THR B 109 -5.24 17.47 7.22
CA THR B 109 -5.97 17.15 6.00
C THR B 109 -5.27 17.75 4.78
N ALA B 110 -4.86 19.02 4.88
CA ALA B 110 -4.20 19.66 3.74
C ALA B 110 -2.87 18.99 3.43
N THR B 111 -2.13 18.61 4.46
CA THR B 111 -0.84 17.97 4.25
C THR B 111 -1.00 16.62 3.57
N ASN B 112 -1.94 15.81 4.06
CA ASN B 112 -2.14 14.49 3.44
C ASN B 112 -2.67 14.61 2.02
N GLN B 113 -3.49 15.64 1.76
CA GLN B 113 -4.01 15.84 0.40
C GLN B 113 -2.88 16.21 -0.54
N PHE B 114 -1.95 17.06 -0.07
CA PHE B 114 -0.80 17.44 -0.87
C PHE B 114 0.05 16.22 -1.21
N TYR B 115 0.39 15.40 -0.22
CA TYR B 115 1.25 14.27 -0.47
C TYR B 115 0.53 13.18 -1.24
N THR B 116 -0.79 13.11 -1.14
CA THR B 116 -1.56 12.17 -1.96
C THR B 116 -1.45 12.55 -3.44
N GLU B 117 -1.59 13.85 -3.74
CA GLU B 117 -1.49 14.33 -5.11
C GLU B 117 -0.12 14.07 -5.70
N LYS B 118 0.94 14.09 -4.87
CA LYS B 118 2.28 13.82 -5.35
C LYS B 118 2.61 12.33 -5.38
N GLY B 119 1.67 11.47 -5.02
CA GLY B 119 1.89 10.06 -5.20
C GLY B 119 2.65 9.41 -4.08
N PHE B 120 2.67 10.02 -2.90
CA PHE B 120 3.39 9.40 -1.79
C PHE B 120 2.64 8.15 -1.29
N GLU B 121 3.37 7.29 -0.59
CA GLU B 121 2.79 6.08 -0.01
C GLU B 121 2.11 6.36 1.33
N GLU B 122 2.71 7.21 2.15
CA GLU B 122 2.33 7.27 3.56
C GLU B 122 2.87 8.55 4.15
N VAL B 123 2.12 9.13 5.09
CA VAL B 123 2.56 10.24 5.95
C VAL B 123 2.57 9.72 7.38
N PHE B 124 3.55 10.13 8.19
CA PHE B 124 3.53 9.68 9.57
C PHE B 124 3.90 10.82 10.49
N VAL B 125 3.51 10.68 11.75
CA VAL B 125 3.74 11.70 12.77
C VAL B 125 3.82 11.00 14.12
N GLN B 126 4.54 11.59 15.08
CA GLN B 126 4.74 10.92 16.35
C GLN B 126 4.38 11.83 17.51
N ALA B 127 4.11 11.20 18.66
CA ALA B 127 3.87 11.91 19.90
C ALA B 127 4.53 11.13 21.02
N ASP B 128 5.04 11.85 22.01
CA ASP B 128 5.56 11.19 23.20
C ASP B 128 4.44 10.49 23.96
N LYS B 129 4.71 9.31 24.47
CA LYS B 129 3.70 8.56 25.24
C LYS B 129 3.17 9.34 26.44
N VAL B 130 3.98 10.20 27.05
CA VAL B 130 3.51 10.96 28.21
C VAL B 130 2.68 12.17 27.82
N ASP B 131 2.65 12.54 26.54
CA ASP B 131 2.00 13.78 26.11
C ASP B 131 0.54 13.47 25.78
N ASP B 132 -0.34 13.57 26.78
CA ASP B 132 -1.74 13.25 26.57
C ASP B 132 -2.38 14.19 25.55
N TYR B 133 -2.04 15.48 25.61
CA TYR B 133 -2.69 16.41 24.70
C TYR B 133 -2.36 16.09 23.25
N ALA B 134 -1.10 15.73 22.97
CA ALA B 134 -0.73 15.45 21.60
C ALA B 134 -1.27 14.09 21.15
N LEU B 135 -1.32 13.12 22.06
CA LEU B 135 -1.93 11.83 21.72
C LEU B 135 -3.41 12.00 21.43
N ASP B 136 -4.09 12.81 22.24
CA ASP B 136 -5.51 13.08 22.04
C ASP B 136 -5.74 13.71 20.68
N PHE B 137 -4.88 14.66 20.30
CA PHE B 137 -5.06 15.29 19.01
C PHE B 137 -4.81 14.29 17.87
N ALA B 138 -3.70 13.56 17.92
CA ALA B 138 -3.36 12.68 16.81
C ALA B 138 -4.45 11.64 16.58
N ARG B 139 -4.96 11.06 17.66
CA ARG B 139 -6.00 10.06 17.51
C ARG B 139 -7.29 10.65 16.93
N SER B 140 -7.51 11.96 17.05
CA SER B 140 -8.71 12.60 16.49
C SER B 140 -8.63 12.80 14.98
N THR B 141 -7.46 12.61 14.37
CA THR B 141 -7.24 12.84 12.94
C THR B 141 -7.50 11.59 12.10
N LYS B 142 -8.07 10.56 12.72
CA LYS B 142 -8.39 9.30 12.04
C LYS B 142 -7.17 8.72 11.31
N PRO B 143 -6.07 8.48 12.02
CA PRO B 143 -4.94 7.82 11.39
C PRO B 143 -5.29 6.39 11.03
N THR B 144 -4.55 5.85 10.07
CA THR B 144 -4.74 4.46 9.67
C THR B 144 -4.43 3.51 10.81
N ALA B 145 -3.34 3.76 11.52
CA ALA B 145 -2.97 2.90 12.64
C ALA B 145 -2.02 3.67 13.55
N GLU B 146 -1.82 3.12 14.74
CA GLU B 146 -0.80 3.62 15.65
C GLU B 146 0.04 2.46 16.15
N GLU B 147 1.30 2.77 16.48
CA GLU B 147 2.25 1.76 16.92
C GLU B 147 3.07 2.31 18.08
N GLN B 148 3.32 1.45 19.06
CA GLN B 148 4.15 1.80 20.21
C GLN B 148 5.59 1.54 19.85
N VAL B 149 6.43 2.59 19.96
CA VAL B 149 7.83 2.48 19.61
C VAL B 149 8.68 3.10 20.73
N VAL B 150 9.98 2.78 20.72
CA VAL B 150 10.94 3.35 21.65
C VAL B 150 11.97 4.13 20.85
N HIS B 151 12.18 5.39 21.24
CA HIS B 151 13.05 6.32 20.54
C HIS B 151 14.37 6.43 21.31
N PHE B 152 15.50 6.25 20.61
CA PHE B 152 16.81 6.36 21.25
C PHE B 152 17.57 7.48 20.59
N TYR B 153 18.26 8.34 21.36
CA TYR B 153 19.07 9.33 20.69
C TYR B 153 20.47 9.33 21.28
N TYR B 154 21.39 9.84 20.46
CA TYR B 154 22.81 9.99 20.79
C TYR B 154 23.18 11.46 20.66
N THR B 155 23.50 12.12 21.78
CA THR B 155 23.92 13.52 21.71
C THR B 155 25.40 13.55 21.33
N LEU B 156 25.72 14.21 20.22
CA LEU B 156 27.08 14.17 19.68
C LEU B 156 27.95 15.24 20.31
N LYS B 157 29.25 14.98 20.33
CA LYS B 157 30.20 15.94 20.85
C LYS B 157 30.51 17.02 19.79
N ASP C 8 -23.17 -12.23 19.14
CA ASP C 8 -21.78 -11.99 18.76
C ASP C 8 -20.82 -12.97 19.41
N ASN C 9 -20.97 -13.13 20.71
CA ASN C 9 -20.15 -14.01 21.54
C ASN C 9 -20.34 -15.47 21.17
N PHE C 10 -21.49 -15.84 20.60
CA PHE C 10 -21.77 -17.22 20.27
C PHE C 10 -21.81 -17.48 18.77
N LEU C 11 -21.63 -16.46 17.95
CA LEU C 11 -21.43 -16.66 16.53
C LEU C 11 -20.00 -17.14 16.29
N LYS C 12 -19.85 -18.18 15.49
CA LYS C 12 -18.55 -18.73 15.12
C LYS C 12 -18.33 -18.55 13.63
N ILE C 13 -17.12 -18.13 13.24
CA ILE C 13 -16.76 -18.03 11.83
C ILE C 13 -15.79 -19.16 11.52
N GLU C 14 -16.05 -19.85 10.41
CA GLU C 14 -15.27 -21.01 9.98
C GLU C 14 -14.85 -20.81 8.54
N ARG C 15 -13.55 -20.89 8.29
CA ARG C 15 -13.05 -20.99 6.93
C ARG C 15 -13.13 -22.46 6.48
N LEU C 16 -13.87 -22.73 5.40
CA LEU C 16 -14.03 -24.11 4.95
C LEU C 16 -12.71 -24.65 4.41
N ALA C 17 -12.47 -25.94 4.68
CA ALA C 17 -11.31 -26.67 4.22
C ALA C 17 -11.75 -27.69 3.18
N GLU C 18 -10.79 -28.50 2.69
CA GLU C 18 -11.13 -29.43 1.60
C GLU C 18 -12.05 -30.55 2.05
N ASN C 19 -12.15 -30.82 3.34
CA ASN C 19 -13.07 -31.86 3.82
C ASN C 19 -14.43 -31.27 4.22
N ASP C 20 -14.77 -30.05 3.76
CA ASP C 20 -15.97 -29.34 4.17
C ASP C 20 -17.01 -29.24 3.05
N LEU C 21 -17.04 -30.21 2.13
CA LEU C 21 -18.05 -30.14 1.09
C LEU C 21 -19.47 -30.10 1.66
N PRO C 22 -19.83 -30.84 2.71
CA PRO C 22 -21.20 -30.70 3.23
C PRO C 22 -21.57 -29.27 3.64
N LYS C 23 -20.66 -28.55 4.30
CA LYS C 23 -20.95 -27.16 4.66
C LYS C 23 -20.99 -26.25 3.44
N PHE C 24 -20.17 -26.53 2.42
CA PHE C 24 -20.20 -25.74 1.18
C PHE C 24 -21.58 -25.85 0.53
N ILE C 25 -22.11 -27.07 0.47
CA ILE C 25 -23.42 -27.30 -0.14
C ILE C 25 -24.51 -26.60 0.68
N GLN C 26 -24.39 -26.60 2.02
CA GLN C 26 -25.34 -25.87 2.83
C GLN C 26 -25.31 -24.37 2.54
N LEU C 27 -24.12 -23.81 2.36
CA LEU C 27 -24.02 -22.39 2.00
C LEU C 27 -24.63 -22.14 0.63
N ILE C 28 -24.41 -23.06 -0.32
CA ILE C 28 -24.95 -22.84 -1.65
C ILE C 28 -26.46 -22.84 -1.59
N ARG C 29 -27.03 -23.71 -0.76
CA ARG C 29 -28.49 -23.72 -0.58
C ARG C 29 -28.96 -22.46 0.12
N LEU C 30 -28.16 -21.92 1.04
CA LEU C 30 -28.48 -20.63 1.65
C LEU C 30 -28.53 -19.53 0.58
N PHE C 31 -27.53 -19.50 -0.32
CA PHE C 31 -27.56 -18.55 -1.42
C PHE C 31 -28.83 -18.73 -2.26
N GLU C 32 -29.13 -19.97 -2.65
CA GLU C 32 -30.31 -20.22 -3.46
C GLU C 32 -31.55 -19.61 -2.82
N ALA C 33 -31.67 -19.75 -1.49
CA ALA C 33 -32.88 -19.26 -0.82
C ALA C 33 -32.87 -17.75 -0.66
N VAL C 34 -31.75 -17.20 -0.21
CA VAL C 34 -31.70 -15.77 0.10
C VAL C 34 -31.74 -14.96 -1.18
N PHE C 35 -31.05 -15.40 -2.22
CA PHE C 35 -31.07 -14.72 -3.51
C PHE C 35 -32.27 -15.10 -4.37
N GLU C 36 -33.19 -15.93 -3.87
CA GLU C 36 -34.41 -16.35 -4.58
C GLU C 36 -34.08 -16.85 -5.99
N MET C 37 -33.07 -17.73 -6.09
CA MET C 37 -32.66 -18.20 -7.41
C MET C 37 -33.72 -19.12 -8.02
N LYS C 38 -33.97 -18.93 -9.32
CA LYS C 38 -35.00 -19.68 -10.02
C LYS C 38 -34.41 -20.87 -10.77
N ASN C 39 -35.11 -22.01 -10.71
CA ASN C 39 -34.77 -23.20 -11.50
C ASN C 39 -33.32 -23.64 -11.29
N PHE C 40 -32.85 -23.58 -10.06
CA PHE C 40 -31.46 -23.91 -9.77
C PHE C 40 -31.24 -25.42 -9.68
N SER C 41 -30.25 -25.91 -10.43
CA SER C 41 -29.81 -27.31 -10.40
C SER C 41 -28.37 -27.32 -9.92
N ILE C 42 -28.17 -27.83 -8.72
CA ILE C 42 -26.83 -27.74 -8.11
C ILE C 42 -25.87 -28.58 -8.91
N PRO C 43 -24.64 -28.11 -9.17
CA PRO C 43 -23.67 -28.93 -9.90
C PRO C 43 -23.36 -30.20 -9.15
N ASP C 44 -22.85 -31.19 -9.90
CA ASP C 44 -22.43 -32.44 -9.28
C ASP C 44 -21.42 -32.17 -8.17
N SER C 45 -21.36 -33.09 -7.22
CA SER C 45 -20.42 -32.89 -6.11
C SER C 45 -18.97 -33.02 -6.58
N GLU C 46 -18.75 -33.70 -7.70
CA GLU C 46 -17.41 -33.83 -8.25
C GLU C 46 -16.91 -32.44 -8.61
N HIS C 47 -17.79 -31.64 -9.19
CA HIS C 47 -17.41 -30.30 -9.59
C HIS C 47 -17.17 -29.40 -8.38
N LEU C 48 -18.08 -29.45 -7.38
CA LEU C 48 -17.96 -28.59 -6.23
C LEU C 48 -16.72 -28.94 -5.41
N GLN C 49 -16.38 -30.24 -5.33
CA GLN C 49 -15.19 -30.61 -4.59
C GLN C 49 -13.94 -30.07 -5.26
N LYS C 50 -13.87 -30.17 -6.58
CA LYS C 50 -12.71 -29.64 -7.30
C LYS C 50 -12.56 -28.14 -7.05
N LEU C 51 -13.68 -27.42 -7.02
CA LEU C 51 -13.61 -25.98 -6.75
C LEU C 51 -13.10 -25.72 -5.33
N LEU C 52 -13.63 -26.47 -4.36
CA LEU C 52 -13.23 -26.29 -2.97
C LEU C 52 -11.75 -26.62 -2.77
N ASN C 53 -11.21 -27.53 -3.59
CA ASN C 53 -9.81 -27.91 -3.54
C ASN C 53 -8.88 -26.91 -4.20
N GLN C 54 -9.40 -25.89 -4.92
CA GLN C 54 -8.55 -24.91 -5.58
C GLN C 54 -7.81 -24.08 -4.54
N ASN C 55 -6.60 -23.69 -4.89
CA ASN C 55 -5.76 -22.89 -4.00
C ASN C 55 -6.07 -21.40 -4.07
N ASN C 56 -7.07 -21.01 -4.86
CA ASN C 56 -7.37 -19.61 -5.12
C ASN C 56 -8.83 -19.30 -4.82
N PHE C 57 -9.43 -20.10 -3.94
CA PHE C 57 -10.85 -19.99 -3.63
C PHE C 57 -11.03 -20.27 -2.15
N TYR C 58 -11.68 -19.36 -1.43
CA TYR C 58 -11.88 -19.50 0.01
C TYR C 58 -13.30 -19.14 0.41
N VAL C 59 -13.92 -20.01 1.19
CA VAL C 59 -15.31 -19.88 1.64
C VAL C 59 -15.32 -19.69 3.15
N PHE C 60 -16.08 -18.71 3.63
CA PHE C 60 -16.22 -18.47 5.05
C PHE C 60 -17.69 -18.63 5.42
N VAL C 61 -17.98 -19.37 6.48
CA VAL C 61 -19.36 -19.51 6.90
C VAL C 61 -19.51 -19.05 8.35
N ALA C 62 -20.74 -18.67 8.69
CA ALA C 62 -21.11 -18.25 10.04
C ALA C 62 -22.05 -19.29 10.63
N LEU C 63 -21.75 -19.72 11.86
CA LEU C 63 -22.50 -20.76 12.53
C LEU C 63 -23.06 -20.24 13.85
N LEU C 64 -24.37 -20.36 14.01
CA LEU C 64 -25.04 -20.30 15.30
C LEU C 64 -25.45 -21.72 15.62
N GLU C 65 -24.89 -22.27 16.69
CA GLU C 65 -24.86 -23.72 16.95
C GLU C 65 -23.93 -24.30 15.87
N ASN C 66 -24.35 -25.32 15.14
CA ASN C 66 -23.62 -25.83 13.99
C ASN C 66 -24.47 -25.71 12.73
N LYS C 67 -25.41 -24.76 12.74
CA LYS C 67 -26.18 -24.44 11.55
C LYS C 67 -25.60 -23.21 10.88
N ILE C 68 -25.42 -23.29 9.57
CA ILE C 68 -24.97 -22.15 8.78
C ILE C 68 -26.08 -21.09 8.78
N VAL C 69 -25.75 -19.89 9.24
CA VAL C 69 -26.66 -18.76 9.16
C VAL C 69 -26.16 -17.68 8.22
N GLY C 70 -25.02 -17.89 7.59
CA GLY C 70 -24.52 -16.93 6.60
C GLY C 70 -23.18 -17.37 6.07
N GLY C 71 -22.73 -16.69 5.04
CA GLY C 71 -21.41 -17.01 4.53
C GLY C 71 -21.05 -16.17 3.33
N LEU C 72 -19.80 -16.30 2.90
CA LEU C 72 -19.36 -15.59 1.71
C LEU C 72 -18.34 -16.45 0.97
N THR C 73 -18.23 -16.20 -0.32
CA THR C 73 -17.22 -16.80 -1.18
C THR C 73 -16.25 -15.75 -1.66
N SER C 74 -15.00 -16.15 -1.85
CA SER C 74 -13.98 -15.19 -2.25
C SER C 74 -12.98 -15.86 -3.17
N TYR C 75 -12.47 -15.07 -4.13
CA TYR C 75 -11.50 -15.53 -5.12
C TYR C 75 -10.19 -14.76 -4.96
N VAL C 76 -9.07 -15.48 -4.99
CA VAL C 76 -7.74 -14.86 -4.99
C VAL C 76 -7.38 -14.45 -6.42
N LEU C 77 -6.94 -13.20 -6.60
CA LEU C 77 -6.48 -12.74 -7.91
C LEU C 77 -5.02 -12.35 -7.76
N GLU C 78 -4.13 -13.17 -8.29
CA GLU C 78 -2.72 -12.80 -8.24
C GLU C 78 -2.47 -11.66 -9.21
N GLN C 79 -1.70 -10.67 -8.78
CA GLN C 79 -1.53 -9.45 -9.56
C GLN C 79 -0.25 -9.50 -10.40
N TYR C 80 -0.21 -8.66 -11.45
CA TYR C 80 1.02 -8.37 -12.16
C TYR C 80 1.56 -6.97 -11.85
N TYR C 81 0.81 -6.14 -11.11
CA TYR C 81 1.32 -4.86 -10.64
C TYR C 81 1.99 -4.97 -9.29
N SER C 82 1.81 -6.12 -8.61
CA SER C 82 2.38 -6.30 -7.28
C SER C 82 2.49 -7.80 -7.04
N GLU C 83 3.43 -8.18 -6.16
CA GLU C 83 3.45 -9.57 -5.71
C GLU C 83 2.43 -9.83 -4.62
N LYS C 84 1.79 -8.80 -4.09
CA LYS C 84 0.75 -9.02 -3.08
C LYS C 84 -0.59 -9.22 -3.76
N PRO C 85 -1.31 -10.30 -3.48
CA PRO C 85 -2.55 -10.57 -4.22
C PRO C 85 -3.73 -9.72 -3.78
N LEU C 86 -4.81 -9.81 -4.57
CA LEU C 86 -6.11 -9.24 -4.23
C LEU C 86 -7.05 -10.38 -3.88
N ALA C 87 -8.07 -10.10 -3.06
CA ALA C 87 -9.18 -11.05 -2.89
C ALA C 87 -10.47 -10.37 -3.29
N TYR C 88 -11.29 -11.10 -4.05
CA TYR C 88 -12.57 -10.63 -4.55
C TYR C 88 -13.67 -11.38 -3.80
N ILE C 89 -14.42 -10.69 -2.95
CA ILE C 89 -15.61 -11.29 -2.33
C ILE C 89 -16.74 -11.28 -3.35
N TYR C 90 -17.24 -12.45 -3.70
CA TYR C 90 -18.14 -12.57 -4.83
C TYR C 90 -19.60 -12.61 -4.41
N ASP C 91 -19.93 -13.45 -3.44
CA ASP C 91 -21.28 -13.57 -2.88
C ASP C 91 -21.18 -13.44 -1.37
N LEU C 92 -22.16 -12.79 -0.76
CA LEU C 92 -22.29 -12.74 0.69
C LEU C 92 -23.78 -12.82 0.98
N ALA C 93 -24.16 -13.67 1.93
CA ALA C 93 -25.57 -13.76 2.29
C ALA C 93 -25.70 -14.17 3.74
N VAL C 94 -26.80 -13.73 4.34
CA VAL C 94 -27.19 -14.06 5.70
C VAL C 94 -28.64 -14.50 5.67
N ASP C 95 -28.93 -15.60 6.36
CA ASP C 95 -30.30 -16.10 6.53
C ASP C 95 -31.25 -14.96 6.88
N THR C 96 -32.40 -14.92 6.19
CA THR C 96 -33.32 -13.80 6.38
C THR C 96 -33.74 -13.64 7.84
N ASN C 97 -33.79 -14.73 8.59
CA ASN C 97 -34.16 -14.66 10.00
C ASN C 97 -33.03 -14.15 10.90
N TRP C 98 -31.81 -14.02 10.39
CA TRP C 98 -30.69 -13.56 11.21
C TRP C 98 -30.03 -12.31 10.63
N GLN C 99 -30.67 -11.62 9.69
CA GLN C 99 -30.06 -10.44 9.13
C GLN C 99 -30.04 -9.33 10.18
N ARG C 100 -28.88 -8.69 10.33
CA ARG C 100 -28.59 -7.58 11.23
C ARG C 100 -28.15 -7.99 12.62
N GLN C 101 -27.95 -9.29 12.86
CA GLN C 101 -27.30 -9.65 14.11
C GLN C 101 -25.86 -9.15 14.16
N GLY C 102 -25.36 -8.60 13.07
CA GLY C 102 -23.94 -8.36 12.90
C GLY C 102 -23.20 -9.50 12.25
N ILE C 103 -23.91 -10.45 11.66
CA ILE C 103 -23.27 -11.65 11.11
C ILE C 103 -22.44 -11.30 9.89
N GLY C 104 -23.02 -10.54 8.96
CA GLY C 104 -22.26 -10.11 7.80
C GLY C 104 -21.00 -9.36 8.19
N LYS C 105 -21.10 -8.42 9.15
CA LYS C 105 -19.91 -7.70 9.61
C LYS C 105 -18.86 -8.64 10.19
N LYS C 106 -19.28 -9.62 10.98
CA LYS C 106 -18.30 -10.59 11.49
C LYS C 106 -17.65 -11.38 10.36
N LEU C 107 -18.42 -11.77 9.35
CA LEU C 107 -17.83 -12.49 8.22
C LEU C 107 -16.80 -11.63 7.50
N ILE C 108 -17.13 -10.36 7.24
CA ILE C 108 -16.17 -9.49 6.59
C ILE C 108 -14.91 -9.34 7.44
N THR C 109 -15.08 -9.12 8.76
CA THR C 109 -13.92 -8.94 9.62
C THR C 109 -13.01 -10.17 9.57
N ALA C 110 -13.60 -11.37 9.61
CA ALA C 110 -12.79 -12.58 9.61
C ALA C 110 -12.09 -12.79 8.28
N THR C 111 -12.78 -12.44 7.19
CA THR C 111 -12.20 -12.61 5.86
C THR C 111 -11.02 -11.68 5.68
N ASN C 112 -11.19 -10.41 6.07
CA ASN C 112 -10.10 -9.45 5.93
C ASN C 112 -8.93 -9.80 6.84
N GLN C 113 -9.21 -10.38 8.02
CA GLN C 113 -8.11 -10.80 8.90
C GLN C 113 -7.34 -11.96 8.29
N PHE C 114 -8.03 -12.90 7.67
CA PHE C 114 -7.34 -14.00 7.01
C PHE C 114 -6.42 -13.48 5.89
N TYR C 115 -6.96 -12.62 5.01
CA TYR C 115 -6.16 -12.15 3.89
C TYR C 115 -5.06 -11.19 4.34
N THR C 116 -5.26 -10.49 5.47
CA THR C 116 -4.15 -9.70 6.03
C THR C 116 -3.00 -10.60 6.47
N GLU C 117 -3.33 -11.67 7.20
CA GLU C 117 -2.31 -12.63 7.64
C GLU C 117 -1.55 -13.21 6.47
N LYS C 118 -2.22 -13.38 5.32
CA LYS C 118 -1.61 -13.92 4.12
C LYS C 118 -0.85 -12.89 3.31
N GLY C 119 -0.81 -11.63 3.74
CA GLY C 119 -0.03 -10.64 3.03
C GLY C 119 -0.68 -10.13 1.77
N PHE C 120 -2.01 -10.13 1.72
CA PHE C 120 -2.69 -9.56 0.57
C PHE C 120 -2.66 -8.03 0.63
N GLU C 121 -2.83 -7.43 -0.55
CA GLU C 121 -2.85 -5.98 -0.66
C GLU C 121 -4.22 -5.43 -0.29
N GLU C 122 -5.27 -6.11 -0.73
CA GLU C 122 -6.59 -5.50 -0.68
C GLU C 122 -7.64 -6.59 -0.87
N VAL C 123 -8.80 -6.36 -0.27
CA VAL C 123 -10.01 -7.15 -0.47
C VAL C 123 -11.05 -6.21 -1.06
N PHE C 124 -11.85 -6.69 -2.03
CA PHE C 124 -12.91 -5.84 -2.56
C PHE C 124 -14.20 -6.62 -2.73
N VAL C 125 -15.30 -5.87 -2.74
CA VAL C 125 -16.64 -6.42 -2.83
C VAL C 125 -17.51 -5.39 -3.54
N GLN C 126 -18.55 -5.84 -4.23
CA GLN C 126 -19.38 -4.91 -5.00
C GLN C 126 -20.85 -5.09 -4.66
N ALA C 127 -21.61 -4.03 -4.90
CA ALA C 127 -23.05 -4.03 -4.70
C ALA C 127 -23.71 -3.28 -5.85
N ASP C 128 -24.91 -3.72 -6.22
CA ASP C 128 -25.68 -3.01 -7.23
C ASP C 128 -26.12 -1.64 -6.72
N LYS C 129 -26.10 -0.63 -7.60
CA LYS C 129 -26.44 0.71 -7.17
C LYS C 129 -27.88 0.82 -6.67
N VAL C 130 -28.78 -0.05 -7.15
CA VAL C 130 -30.17 -0.02 -6.68
C VAL C 130 -30.40 -0.81 -5.40
N ASP C 131 -29.44 -1.63 -4.96
CA ASP C 131 -29.66 -2.50 -3.81
C ASP C 131 -29.32 -1.76 -2.53
N ASP C 132 -30.34 -1.14 -1.93
CA ASP C 132 -30.10 -0.33 -0.73
C ASP C 132 -29.70 -1.18 0.46
N TYR C 133 -30.29 -2.37 0.58
CA TYR C 133 -29.86 -3.31 1.62
C TYR C 133 -28.36 -3.57 1.52
N ALA C 134 -27.90 -3.94 0.32
CA ALA C 134 -26.49 -4.28 0.14
C ALA C 134 -25.59 -3.06 0.29
N LEU C 135 -26.00 -1.91 -0.22
CA LEU C 135 -25.16 -0.72 -0.11
C LEU C 135 -25.05 -0.27 1.33
N ASP C 136 -26.17 -0.25 2.06
CA ASP C 136 -26.16 0.06 3.47
C ASP C 136 -25.27 -0.89 4.24
N PHE C 137 -25.34 -2.18 3.91
CA PHE C 137 -24.50 -3.14 4.60
C PHE C 137 -23.02 -2.88 4.32
N ALA C 138 -22.65 -2.78 3.05
CA ALA C 138 -21.24 -2.56 2.73
C ALA C 138 -20.71 -1.31 3.42
N ARG C 139 -21.49 -0.24 3.40
CA ARG C 139 -21.00 1.01 4.00
C ARG C 139 -20.85 0.92 5.51
N SER C 140 -21.52 -0.05 6.16
CA SER C 140 -21.41 -0.28 7.59
C SER C 140 -20.16 -1.08 8.00
N THR C 141 -19.41 -1.63 7.03
CA THR C 141 -18.24 -2.47 7.32
C THR C 141 -16.93 -1.66 7.34
N LYS C 142 -17.02 -0.34 7.31
CA LYS C 142 -15.85 0.56 7.33
C LYS C 142 -14.89 0.29 6.18
N PRO C 143 -15.35 0.26 4.94
CA PRO C 143 -14.40 0.10 3.83
C PRO C 143 -13.45 1.30 3.74
N THR C 144 -12.29 1.06 3.13
CA THR C 144 -11.34 2.15 2.91
C THR C 144 -11.91 3.21 1.98
N ALA C 145 -12.59 2.80 0.91
CA ALA C 145 -13.17 3.74 -0.04
C ALA C 145 -14.23 3.01 -0.83
N GLU C 146 -15.08 3.79 -1.53
CA GLU C 146 -16.03 3.27 -2.50
C GLU C 146 -15.89 4.06 -3.79
N GLU C 147 -16.19 3.38 -4.90
CA GLU C 147 -16.03 3.96 -6.24
C GLU C 147 -17.20 3.55 -7.09
N GLN C 148 -17.72 4.49 -7.88
CA GLN C 148 -18.80 4.18 -8.82
C GLN C 148 -18.23 3.56 -10.08
N VAL C 149 -18.78 2.41 -10.46
CA VAL C 149 -18.24 1.63 -11.56
C VAL C 149 -19.40 1.21 -12.47
N VAL C 150 -19.09 0.97 -13.75
CA VAL C 150 -20.06 0.42 -14.69
C VAL C 150 -19.59 -0.98 -15.08
N HIS C 151 -20.48 -1.95 -14.97
CA HIS C 151 -20.21 -3.37 -15.17
C HIS C 151 -20.82 -3.77 -16.51
N PHE C 152 -20.02 -4.37 -17.39
CA PHE C 152 -20.49 -4.83 -18.70
C PHE C 152 -20.30 -6.32 -18.76
N TYR C 153 -21.26 -7.03 -19.33
CA TYR C 153 -21.00 -8.45 -19.52
C TYR C 153 -21.45 -8.88 -20.89
N TYR C 154 -20.87 -10.00 -21.30
CA TYR C 154 -21.08 -10.62 -22.60
C TYR C 154 -21.54 -12.05 -22.35
N THR C 155 -22.83 -12.32 -22.59
CA THR C 155 -23.33 -13.69 -22.54
C THR C 155 -22.79 -14.44 -23.74
N LEU C 156 -22.18 -15.59 -23.53
CA LEU C 156 -21.43 -16.19 -24.62
C LEU C 156 -22.27 -17.11 -25.48
N LYS C 157 -23.33 -17.70 -24.92
CA LYS C 157 -24.26 -18.49 -25.74
C LYS C 157 -25.61 -17.81 -25.94
N ASN D 9 -7.60 -7.51 -41.84
CA ASN D 9 -6.63 -6.50 -41.45
C ASN D 9 -5.24 -7.13 -41.32
N PHE D 10 -4.29 -6.34 -40.86
CA PHE D 10 -2.93 -6.84 -40.68
C PHE D 10 -2.62 -7.08 -39.22
N LEU D 11 -3.49 -6.63 -38.33
CA LEU D 11 -3.38 -6.92 -36.91
C LEU D 11 -3.39 -8.42 -36.65
N LYS D 12 -2.62 -8.82 -35.64
CA LYS D 12 -2.50 -10.20 -35.22
C LYS D 12 -2.80 -10.27 -33.72
N ILE D 13 -3.60 -11.24 -33.31
CA ILE D 13 -3.93 -11.45 -31.90
C ILE D 13 -3.32 -12.76 -31.43
N GLU D 14 -2.54 -12.69 -30.36
CA GLU D 14 -1.77 -13.81 -29.83
C GLU D 14 -2.20 -14.03 -28.38
N ARG D 15 -2.54 -15.26 -28.03
CA ARG D 15 -2.83 -15.57 -26.64
C ARG D 15 -1.48 -16.02 -26.12
N LEU D 16 -1.01 -15.43 -25.03
CA LEU D 16 0.32 -15.74 -24.51
C LEU D 16 0.37 -17.14 -23.91
N ALA D 17 1.49 -17.83 -24.13
CA ALA D 17 1.75 -19.14 -23.55
C ALA D 17 2.79 -19.02 -22.44
N GLU D 18 3.21 -20.18 -21.90
CA GLU D 18 4.15 -20.17 -20.79
C GLU D 18 5.52 -19.64 -21.18
N ASN D 19 5.88 -19.72 -22.45
CA ASN D 19 7.19 -19.27 -22.92
C ASN D 19 7.20 -17.78 -23.25
N ASP D 20 6.14 -17.06 -22.93
CA ASP D 20 5.96 -15.70 -23.42
C ASP D 20 6.16 -14.64 -22.34
N LEU D 21 7.00 -14.91 -21.34
CA LEU D 21 7.28 -13.86 -20.35
C LEU D 21 7.77 -12.57 -20.99
N PRO D 22 8.66 -12.56 -21.99
CA PRO D 22 9.06 -11.28 -22.60
C PRO D 22 7.89 -10.46 -23.12
N LYS D 23 6.93 -11.10 -23.79
CA LYS D 23 5.78 -10.36 -24.30
C LYS D 23 4.87 -9.92 -23.17
N PHE D 24 4.73 -10.72 -22.11
CA PHE D 24 3.95 -10.29 -20.95
C PHE D 24 4.54 -9.01 -20.35
N ILE D 25 5.86 -8.98 -20.17
CA ILE D 25 6.49 -7.79 -19.63
C ILE D 25 6.28 -6.61 -20.57
N GLN D 26 6.33 -6.86 -21.88
CA GLN D 26 6.09 -5.80 -22.84
C GLN D 26 4.67 -5.23 -22.65
N LEU D 27 3.69 -6.08 -22.41
CA LEU D 27 2.33 -5.58 -22.22
C LEU D 27 2.21 -4.81 -20.91
N ILE D 28 2.87 -5.29 -19.86
CA ILE D 28 2.83 -4.58 -18.58
C ILE D 28 3.44 -3.20 -18.74
N ARG D 29 4.51 -3.10 -19.54
CA ARG D 29 5.07 -1.79 -19.85
C ARG D 29 4.09 -0.92 -20.62
N LEU D 30 3.29 -1.52 -21.50
CA LEU D 30 2.27 -0.75 -22.20
C LEU D 30 1.23 -0.21 -21.22
N PHE D 31 0.80 -1.05 -20.27
CA PHE D 31 -0.12 -0.60 -19.23
C PHE D 31 0.48 0.56 -18.42
N GLU D 32 1.75 0.41 -18.00
CA GLU D 32 2.40 1.46 -17.25
C GLU D 32 2.36 2.78 -17.99
N ALA D 33 2.58 2.75 -19.31
CA ALA D 33 2.63 3.98 -20.09
C ALA D 33 1.24 4.54 -20.35
N VAL D 34 0.32 3.69 -20.79
CA VAL D 34 -1.00 4.15 -21.19
C VAL D 34 -1.83 4.59 -19.98
N PHE D 35 -1.73 3.85 -18.86
CA PHE D 35 -2.44 4.23 -17.65
C PHE D 35 -1.70 5.32 -16.87
N GLU D 36 -0.55 5.78 -17.38
CA GLU D 36 0.28 6.80 -16.75
C GLU D 36 0.57 6.44 -15.29
N MET D 37 1.05 5.22 -15.10
CA MET D 37 1.38 4.76 -13.75
C MET D 37 2.69 5.41 -13.32
N LYS D 38 2.65 6.07 -12.17
CA LYS D 38 3.83 6.73 -11.64
C LYS D 38 4.47 5.89 -10.56
N ASN D 39 5.79 5.91 -10.52
CA ASN D 39 6.53 5.27 -9.44
C ASN D 39 6.21 3.78 -9.36
N PHE D 40 5.99 3.16 -10.52
CA PHE D 40 5.75 1.73 -10.59
C PHE D 40 7.05 0.93 -10.60
N SER D 41 7.08 -0.13 -9.79
CA SER D 41 8.18 -1.10 -9.75
C SER D 41 7.61 -2.43 -10.23
N ILE D 42 8.06 -2.88 -11.40
CA ILE D 42 7.52 -4.16 -11.89
C ILE D 42 7.88 -5.30 -10.93
N PRO D 43 6.98 -6.26 -10.67
CA PRO D 43 7.36 -7.43 -9.89
C PRO D 43 8.49 -8.21 -10.52
N ASP D 44 9.13 -9.03 -9.68
CA ASP D 44 10.21 -9.90 -10.16
C ASP D 44 9.71 -10.89 -11.19
N SER D 45 10.62 -11.32 -12.05
CA SER D 45 10.22 -12.18 -13.15
C SER D 45 9.81 -13.57 -12.68
N GLU D 46 10.36 -14.03 -11.55
CA GLU D 46 9.89 -15.29 -10.98
C GLU D 46 8.39 -15.22 -10.67
N HIS D 47 7.94 -14.09 -10.13
CA HIS D 47 6.52 -13.95 -9.82
C HIS D 47 5.69 -13.85 -11.09
N LEU D 48 6.14 -13.06 -12.07
CA LEU D 48 5.35 -12.92 -13.29
C LEU D 48 5.31 -14.22 -14.09
N GLN D 49 6.38 -15.02 -14.03
CA GLN D 49 6.36 -16.30 -14.74
C GLN D 49 5.39 -17.27 -14.06
N LYS D 50 5.35 -17.25 -12.73
CA LYS D 50 4.38 -18.08 -12.01
C LYS D 50 2.97 -17.71 -12.40
N LEU D 51 2.69 -16.41 -12.46
CA LEU D 51 1.36 -15.96 -12.85
C LEU D 51 1.02 -16.44 -14.26
N LEU D 52 1.96 -16.29 -15.19
CA LEU D 52 1.72 -16.71 -16.57
C LEU D 52 1.49 -18.21 -16.66
N ASN D 53 2.07 -18.99 -15.74
CA ASN D 53 1.90 -20.43 -15.70
C ASN D 53 0.56 -20.86 -15.12
N GLN D 54 -0.20 -19.94 -14.51
CA GLN D 54 -1.46 -20.31 -13.88
C GLN D 54 -2.47 -20.73 -14.93
N ASN D 55 -3.30 -21.70 -14.56
CA ASN D 55 -4.37 -22.17 -15.43
C ASN D 55 -5.61 -21.30 -15.39
N ASN D 56 -5.62 -20.25 -14.56
CA ASN D 56 -6.80 -19.40 -14.41
C ASN D 56 -6.53 -17.98 -14.88
N PHE D 57 -5.51 -17.78 -15.71
CA PHE D 57 -5.07 -16.45 -16.12
C PHE D 57 -4.70 -16.50 -17.59
N TYR D 58 -5.28 -15.60 -18.40
CA TYR D 58 -5.00 -15.60 -19.83
C TYR D 58 -4.77 -14.17 -20.31
N VAL D 59 -3.70 -13.98 -21.08
CA VAL D 59 -3.29 -12.68 -21.62
C VAL D 59 -3.39 -12.74 -23.13
N PHE D 60 -3.95 -11.69 -23.72
CA PHE D 60 -4.07 -11.57 -25.16
C PHE D 60 -3.36 -10.30 -25.60
N VAL D 61 -2.53 -10.38 -26.63
CA VAL D 61 -1.81 -9.22 -27.13
C VAL D 61 -2.16 -9.04 -28.61
N ALA D 62 -2.10 -7.78 -29.03
CA ALA D 62 -2.32 -7.38 -30.42
C ALA D 62 -0.97 -6.95 -31.00
N LEU D 63 -0.63 -7.53 -32.16
CA LEU D 63 0.70 -7.33 -32.73
C LEU D 63 0.57 -6.76 -34.13
N LEU D 64 1.27 -5.67 -34.38
CA LEU D 64 1.65 -5.22 -35.72
C LEU D 64 3.12 -5.55 -35.88
N GLU D 65 3.42 -6.53 -36.73
CA GLU D 65 4.76 -7.13 -36.87
C GLU D 65 5.10 -7.84 -35.57
N ASN D 66 6.19 -7.49 -34.90
CA ASN D 66 6.57 -8.10 -33.63
C ASN D 66 6.39 -7.15 -32.47
N LYS D 67 5.62 -6.09 -32.68
CA LYS D 67 5.42 -5.07 -31.66
C LYS D 67 4.01 -5.18 -31.09
N ILE D 68 3.94 -5.43 -29.78
CA ILE D 68 2.67 -5.30 -29.06
C ILE D 68 2.14 -3.88 -29.22
N VAL D 69 0.93 -3.78 -29.74
CA VAL D 69 0.24 -2.49 -29.82
C VAL D 69 -0.91 -2.41 -28.84
N GLY D 70 -1.20 -3.49 -28.13
CA GLY D 70 -2.24 -3.49 -27.12
C GLY D 70 -2.36 -4.87 -26.54
N GLY D 71 -3.18 -4.98 -25.52
CA GLY D 71 -3.47 -6.30 -24.97
C GLY D 71 -4.44 -6.18 -23.82
N LEU D 72 -4.82 -7.34 -23.29
CA LEU D 72 -5.71 -7.38 -22.15
C LEU D 72 -5.37 -8.58 -21.29
N THR D 73 -5.75 -8.48 -20.02
CA THR D 73 -5.56 -9.58 -19.06
C THR D 73 -6.91 -10.06 -18.56
N SER D 74 -7.01 -11.35 -18.24
CA SER D 74 -8.29 -11.93 -17.86
C SER D 74 -8.07 -13.06 -16.85
N TYR D 75 -9.01 -13.18 -15.91
CA TYR D 75 -9.01 -14.20 -14.86
C TYR D 75 -10.20 -15.13 -15.00
N VAL D 76 -9.97 -16.42 -14.82
CA VAL D 76 -11.05 -17.40 -14.78
C VAL D 76 -11.61 -17.45 -13.38
N LEU D 77 -12.94 -17.42 -13.25
CA LEU D 77 -13.62 -17.61 -11.97
C LEU D 77 -14.52 -18.84 -12.11
N GLU D 78 -14.05 -19.98 -11.61
CA GLU D 78 -14.86 -21.19 -11.61
C GLU D 78 -16.08 -20.97 -10.71
N GLN D 79 -17.25 -21.40 -11.17
CA GLN D 79 -18.51 -21.11 -10.48
C GLN D 79 -18.95 -22.31 -9.66
N TYR D 80 -19.73 -22.04 -8.61
CA TYR D 80 -20.42 -23.07 -7.85
C TYR D 80 -21.90 -23.18 -8.23
N TYR D 81 -22.40 -22.23 -9.01
CA TYR D 81 -23.77 -22.34 -9.52
C TYR D 81 -23.84 -23.14 -10.81
N SER D 82 -22.72 -23.35 -11.48
CA SER D 82 -22.72 -23.90 -12.82
C SER D 82 -21.34 -24.48 -13.10
N GLU D 83 -21.28 -25.45 -14.00
CA GLU D 83 -20.00 -25.92 -14.48
C GLU D 83 -19.44 -25.07 -15.61
N LYS D 84 -20.13 -23.98 -15.99
CA LYS D 84 -19.62 -23.08 -16.99
C LYS D 84 -18.97 -21.90 -16.29
N PRO D 85 -17.67 -21.68 -16.42
CA PRO D 85 -17.04 -20.60 -15.66
C PRO D 85 -17.36 -19.21 -16.19
N LEU D 86 -16.93 -18.24 -15.41
CA LEU D 86 -16.92 -16.83 -15.81
C LEU D 86 -15.49 -16.40 -16.12
N ALA D 87 -15.32 -15.40 -16.97
CA ALA D 87 -14.03 -14.76 -17.12
C ALA D 87 -14.14 -13.28 -16.83
N TYR D 88 -13.16 -12.75 -16.12
CA TYR D 88 -13.12 -11.35 -15.67
C TYR D 88 -11.98 -10.67 -16.44
N ILE D 89 -12.32 -9.78 -17.37
CA ILE D 89 -11.32 -8.97 -18.05
C ILE D 89 -10.90 -7.87 -17.06
N TYR D 90 -9.66 -7.91 -16.61
CA TYR D 90 -9.19 -7.00 -15.59
C TYR D 90 -8.60 -5.71 -16.15
N ASP D 91 -7.78 -5.79 -17.19
CA ASP D 91 -7.20 -4.60 -17.82
C ASP D 91 -7.27 -4.74 -19.32
N LEU D 92 -7.38 -3.60 -19.99
CA LEU D 92 -7.37 -3.53 -21.44
C LEU D 92 -6.76 -2.19 -21.83
N ALA D 93 -5.78 -2.20 -22.73
CA ALA D 93 -5.17 -0.95 -23.18
C ALA D 93 -4.61 -1.09 -24.57
N VAL D 94 -4.59 0.03 -25.30
CA VAL D 94 -3.98 0.09 -26.63
C VAL D 94 -3.04 1.29 -26.66
N ASP D 95 -1.88 1.10 -27.31
CA ASP D 95 -0.92 2.16 -27.51
C ASP D 95 -1.62 3.44 -27.94
N THR D 96 -1.29 4.55 -27.26
CA THR D 96 -2.01 5.79 -27.49
C THR D 96 -1.90 6.24 -28.94
N ASN D 97 -0.81 5.85 -29.62
CA ASN D 97 -0.62 6.14 -31.03
C ASN D 97 -1.53 5.30 -31.93
N TRP D 98 -2.29 4.35 -31.36
CA TRP D 98 -3.09 3.45 -32.16
C TRP D 98 -4.54 3.34 -31.67
N GLN D 99 -4.98 4.24 -30.81
CA GLN D 99 -6.32 4.12 -30.25
C GLN D 99 -7.35 4.49 -31.31
N ARG D 100 -8.45 3.75 -31.34
CA ARG D 100 -9.50 3.92 -32.35
C ARG D 100 -9.03 3.52 -33.73
N GLN D 101 -8.56 2.27 -33.85
CA GLN D 101 -8.38 1.61 -35.14
C GLN D 101 -8.95 0.21 -35.12
N GLY D 102 -9.76 -0.11 -34.11
CA GLY D 102 -10.36 -1.42 -34.00
C GLY D 102 -9.54 -2.43 -33.26
N ILE D 103 -8.40 -2.03 -32.68
CA ILE D 103 -7.54 -3.00 -32.00
C ILE D 103 -8.23 -3.52 -30.75
N GLY D 104 -8.76 -2.61 -29.94
CA GLY D 104 -9.50 -3.03 -28.76
C GLY D 104 -10.67 -3.93 -29.08
N LYS D 105 -11.47 -3.57 -30.09
CA LYS D 105 -12.59 -4.42 -30.44
C LYS D 105 -12.10 -5.80 -30.90
N LYS D 106 -10.97 -5.83 -31.61
CA LYS D 106 -10.40 -7.10 -32.04
C LYS D 106 -9.96 -7.94 -30.84
N LEU D 107 -9.35 -7.30 -29.85
CA LEU D 107 -8.95 -8.02 -28.65
C LEU D 107 -10.16 -8.59 -27.92
N ILE D 108 -11.23 -7.78 -27.78
CA ILE D 108 -12.42 -8.26 -27.09
C ILE D 108 -13.05 -9.42 -27.85
N THR D 109 -13.11 -9.30 -29.19
CA THR D 109 -13.69 -10.36 -30.00
C THR D 109 -12.93 -11.68 -29.81
N ALA D 110 -11.59 -11.62 -29.88
CA ALA D 110 -10.81 -12.85 -29.77
C ALA D 110 -10.90 -13.43 -28.35
N THR D 111 -10.99 -12.55 -27.35
CA THR D 111 -11.08 -13.05 -25.97
C THR D 111 -12.40 -13.75 -25.74
N ASN D 112 -13.49 -13.12 -26.17
CA ASN D 112 -14.80 -13.75 -26.03
C ASN D 112 -14.86 -15.04 -26.84
N GLN D 113 -14.26 -15.08 -28.02
CA GLN D 113 -14.26 -16.30 -28.82
C GLN D 113 -13.53 -17.43 -28.10
N PHE D 114 -12.34 -17.14 -27.55
CA PHE D 114 -11.60 -18.15 -26.80
C PHE D 114 -12.43 -18.71 -25.66
N TYR D 115 -13.06 -17.84 -24.86
CA TYR D 115 -13.81 -18.34 -23.71
C TYR D 115 -15.09 -19.04 -24.15
N THR D 116 -15.64 -18.64 -25.29
CA THR D 116 -16.80 -19.33 -25.86
C THR D 116 -16.45 -20.77 -26.22
N GLU D 117 -15.31 -20.98 -26.90
CA GLU D 117 -14.89 -22.33 -27.26
CA GLU D 117 -14.92 -22.34 -27.25
C GLU D 117 -14.61 -23.18 -26.02
N LYS D 118 -14.19 -22.54 -24.93
CA LYS D 118 -13.88 -23.22 -23.69
C LYS D 118 -15.12 -23.56 -22.88
N GLY D 119 -16.28 -23.12 -23.31
CA GLY D 119 -17.53 -23.44 -22.64
C GLY D 119 -17.89 -22.54 -21.48
N PHE D 120 -17.39 -21.32 -21.45
CA PHE D 120 -17.71 -20.42 -20.36
C PHE D 120 -19.14 -19.86 -20.56
N GLU D 121 -19.69 -19.36 -19.46
CA GLU D 121 -21.02 -18.76 -19.53
C GLU D 121 -20.96 -17.31 -19.99
N GLU D 122 -19.98 -16.55 -19.53
CA GLU D 122 -20.07 -15.11 -19.56
C GLU D 122 -18.68 -14.53 -19.32
N VAL D 123 -18.39 -13.41 -19.99
CA VAL D 123 -17.20 -12.62 -19.77
C VAL D 123 -17.65 -11.26 -19.26
N PHE D 124 -16.96 -10.68 -18.29
CA PHE D 124 -17.32 -9.33 -17.87
C PHE D 124 -16.09 -8.43 -17.75
N VAL D 125 -16.35 -7.13 -17.83
CA VAL D 125 -15.35 -6.08 -17.78
C VAL D 125 -15.99 -4.86 -17.13
N GLN D 126 -15.18 -4.05 -16.47
CA GLN D 126 -15.71 -2.87 -15.80
C GLN D 126 -14.93 -1.61 -16.15
N ALA D 127 -15.61 -0.48 -16.01
CA ALA D 127 -15.01 0.83 -16.24
C ALA D 127 -15.47 1.77 -15.13
N ASP D 128 -14.58 2.66 -14.67
CA ASP D 128 -15.00 3.67 -13.72
C ASP D 128 -16.01 4.61 -14.36
N LYS D 129 -17.02 5.01 -13.58
CA LYS D 129 -18.02 5.94 -14.07
C LYS D 129 -17.41 7.24 -14.57
N VAL D 130 -16.29 7.69 -13.99
CA VAL D 130 -15.65 8.92 -14.43
C VAL D 130 -14.77 8.76 -15.66
N ASP D 131 -14.56 7.54 -16.15
CA ASP D 131 -13.61 7.30 -17.23
C ASP D 131 -14.36 7.33 -18.56
N ASP D 132 -14.43 8.50 -19.16
CA ASP D 132 -15.27 8.69 -20.35
C ASP D 132 -14.82 7.82 -21.51
N TYR D 133 -13.51 7.74 -21.75
CA TYR D 133 -13.06 7.01 -22.94
C TYR D 133 -13.23 5.51 -22.75
N ALA D 134 -12.94 5.01 -21.55
CA ALA D 134 -13.15 3.58 -21.30
C ALA D 134 -14.63 3.20 -21.44
N LEU D 135 -15.53 4.07 -20.98
CA LEU D 135 -16.96 3.77 -21.13
C LEU D 135 -17.40 3.84 -22.58
N ASP D 136 -16.94 4.85 -23.32
CA ASP D 136 -17.27 4.92 -24.73
C ASP D 136 -16.78 3.68 -25.46
N PHE D 137 -15.58 3.21 -25.11
CA PHE D 137 -15.07 2.00 -25.74
C PHE D 137 -15.91 0.79 -25.38
N ALA D 138 -16.11 0.54 -24.08
CA ALA D 138 -16.89 -0.62 -23.66
C ALA D 138 -18.27 -0.62 -24.31
N ARG D 139 -18.89 0.56 -24.42
CA ARG D 139 -20.24 0.61 -24.99
C ARG D 139 -20.24 0.40 -26.49
N SER D 140 -19.07 0.39 -27.13
CA SER D 140 -18.97 0.12 -28.56
C SER D 140 -18.70 -1.35 -28.85
N THR D 141 -18.63 -2.22 -27.83
CA THR D 141 -18.29 -3.64 -28.02
C THR D 141 -19.51 -4.56 -28.03
N LYS D 142 -20.71 -4.03 -28.23
CA LYS D 142 -21.94 -4.79 -28.15
C LYS D 142 -22.06 -5.65 -26.88
N PRO D 143 -21.86 -5.07 -25.70
CA PRO D 143 -22.08 -5.85 -24.48
C PRO D 143 -23.54 -6.26 -24.37
N THR D 144 -23.75 -7.43 -23.79
CA THR D 144 -25.13 -7.92 -23.60
C THR D 144 -25.92 -6.99 -22.69
N ALA D 145 -25.29 -6.49 -21.62
CA ALA D 145 -25.96 -5.58 -20.70
C ALA D 145 -24.90 -4.73 -20.03
N GLU D 146 -25.34 -3.61 -19.48
CA GLU D 146 -24.51 -2.76 -18.65
C GLU D 146 -25.26 -2.47 -17.36
N GLU D 147 -24.53 -2.43 -16.24
CA GLU D 147 -25.11 -2.31 -14.91
C GLU D 147 -24.29 -1.33 -14.09
N GLN D 148 -24.97 -0.48 -13.33
CA GLN D 148 -24.29 0.46 -12.44
C GLN D 148 -24.01 -0.23 -11.11
N VAL D 149 -22.75 -0.17 -10.65
CA VAL D 149 -22.34 -0.88 -9.44
CA VAL D 149 -22.25 -0.92 -9.51
C VAL D 149 -21.46 0.01 -8.60
N VAL D 150 -21.41 -0.30 -7.30
CA VAL D 150 -20.53 0.39 -6.37
C VAL D 150 -19.49 -0.60 -5.90
N HIS D 151 -18.22 -0.22 -6.07
CA HIS D 151 -17.05 -1.00 -5.69
C HIS D 151 -16.54 -0.54 -4.33
N PHE D 152 -16.45 -1.45 -3.38
CA PHE D 152 -15.89 -1.17 -2.06
C PHE D 152 -14.58 -1.91 -1.88
N TYR D 153 -13.58 -1.27 -1.27
CA TYR D 153 -12.36 -2.02 -1.03
C TYR D 153 -11.81 -1.73 0.36
N TYR D 154 -11.05 -2.71 0.83
CA TYR D 154 -10.39 -2.68 2.14
C TYR D 154 -8.88 -2.78 1.91
N THR D 155 -8.17 -1.68 2.14
CA THR D 155 -6.70 -1.70 2.05
C THR D 155 -6.18 -2.38 3.31
N LEU D 156 -5.43 -3.48 3.14
CA LEU D 156 -5.02 -4.27 4.29
C LEU D 156 -3.72 -3.75 4.86
N LYS D 157 -3.54 -3.97 6.14
CA LYS D 157 -2.30 -3.56 6.80
C LYS D 157 -1.18 -4.58 6.59
#